data_6F8H
#
_entry.id   6F8H
#
_cell.length_a   62.740
_cell.length_b   48.950
_cell.length_c   66.930
_cell.angle_alpha   90.00
_cell.angle_beta   92.62
_cell.angle_gamma   90.00
#
_symmetry.space_group_name_H-M   'P 1 21 1'
#
loop_
_entity.id
_entity.type
_entity.pdbx_description
1 polymer 'XRE family transcriptional regulator'
2 water water
#
_entity_poly.entity_id   1
_entity_poly.type   'polypeptide(L)'
_entity_poly.pdbx_seq_one_letter_code
;MHHHHHHLKNGMRPIHPGEILREEFQKEMGFSAAALARALGVATPTVNNILRERGGVSADMALRLSICLDTTPEFWLNLQ
TAFDLRTAEQQHGDEIIGSVQRLVA
;
_entity_poly.pdbx_strand_id   A,B,C,D
#
# COMPACT_ATOMS: atom_id res chain seq x y z
N ASN A 10 34.05 -3.35 14.36
CA ASN A 10 33.34 -2.70 13.25
C ASN A 10 32.30 -1.62 13.66
N GLY A 11 31.47 -1.86 14.67
CA GLY A 11 31.37 -3.11 15.41
C GLY A 11 30.13 -3.91 15.04
N MET A 12 29.08 -3.85 15.85
CA MET A 12 27.89 -4.63 15.47
C MET A 12 27.18 -3.93 14.32
N ARG A 13 26.73 -4.73 13.35
CA ARG A 13 26.13 -4.19 12.13
C ARG A 13 24.84 -3.42 12.44
N PRO A 14 24.71 -2.20 11.91
CA PRO A 14 23.44 -1.47 12.04
C PRO A 14 22.28 -2.28 11.45
N ILE A 15 21.18 -2.40 12.18
CA ILE A 15 20.01 -3.10 11.67
C ILE A 15 18.87 -2.15 11.29
N HIS A 16 18.65 -1.97 9.99
CA HIS A 16 17.54 -1.12 9.57
C HIS A 16 16.19 -1.78 9.90
N PRO A 17 15.23 -0.98 10.38
CA PRO A 17 13.89 -1.52 10.65
C PRO A 17 13.31 -2.26 9.47
N GLY A 18 13.66 -1.84 8.25
CA GLY A 18 13.18 -2.50 7.06
C GLY A 18 13.68 -3.93 6.97
N GLU A 19 14.87 -4.17 7.51
CA GLU A 19 15.39 -5.54 7.53
C GLU A 19 14.50 -6.42 8.40
N ILE A 20 14.13 -5.91 9.57
CA ILE A 20 13.19 -6.64 10.44
C ILE A 20 11.84 -6.81 9.73
N LEU A 21 11.34 -5.72 9.13
CA LEU A 21 10.05 -5.80 8.45
C LEU A 21 10.10 -6.88 7.38
N ARG A 22 11.19 -6.89 6.62
CA ARG A 22 11.35 -7.84 5.53
C ARG A 22 11.64 -9.27 6.00
N GLU A 23 12.61 -9.43 6.88
CA GLU A 23 13.09 -10.79 7.23
C GLU A 23 12.17 -11.52 8.19
N GLU A 24 11.54 -10.80 9.12
CA GLU A 24 10.74 -11.44 10.15
C GLU A 24 9.25 -11.40 9.86
N PHE A 25 8.76 -10.29 9.31
CA PHE A 25 7.33 -10.19 9.05
C PHE A 25 6.97 -10.60 7.64
N GLN A 26 7.61 -10.00 6.64
CA GLN A 26 7.28 -10.30 5.25
C GLN A 26 7.57 -11.73 4.82
N LYS A 27 8.80 -12.19 5.05
CA LYS A 27 9.26 -13.50 4.57
C LYS A 27 8.32 -14.61 5.03
N GLU A 28 7.78 -14.44 6.23
CA GLU A 28 6.85 -15.39 6.79
C GLU A 28 5.42 -15.19 6.30
N MET A 29 4.79 -14.07 6.66
CA MET A 29 3.38 -13.82 6.36
C MET A 29 3.10 -13.75 4.87
N GLY A 30 4.14 -13.54 4.08
CA GLY A 30 4.03 -13.60 2.63
C GLY A 30 3.39 -12.42 1.90
N PHE A 31 3.20 -11.29 2.58
CA PHE A 31 2.53 -10.15 1.94
C PHE A 31 3.42 -9.48 0.88
N SER A 32 2.76 -8.88 -0.12
CA SER A 32 3.43 -7.98 -1.06
C SER A 32 3.58 -6.60 -0.44
N ALA A 33 4.40 -5.75 -1.05
CA ALA A 33 4.56 -4.38 -0.58
C ALA A 33 3.25 -3.63 -0.68
N ALA A 34 2.53 -3.85 -1.79
CA ALA A 34 1.25 -3.20 -2.01
C ALA A 34 0.21 -3.67 -1.01
N ALA A 35 0.19 -4.97 -0.72
CA ALA A 35 -0.72 -5.48 0.30
C ALA A 35 -0.46 -4.80 1.65
N LEU A 36 0.81 -4.68 2.03
CA LEU A 36 1.14 -4.05 3.32
C LEU A 36 0.69 -2.60 3.33
N ALA A 37 0.99 -1.90 2.24
CA ALA A 37 0.64 -0.48 2.09
C ALA A 37 -0.85 -0.22 2.24
N ARG A 38 -1.67 -1.04 1.55
CA ARG A 38 -3.11 -0.90 1.66
C ARG A 38 -3.58 -1.03 3.11
N ALA A 39 -3.04 -2.02 3.84
CA ALA A 39 -3.46 -2.24 5.22
C ALA A 39 -2.96 -1.11 6.14
N LEU A 40 -1.76 -0.61 5.85
CA LEU A 40 -1.19 0.54 6.57
C LEU A 40 -1.90 1.85 6.33
N GLY A 41 -2.68 1.92 5.23
CA GLY A 41 -3.28 3.17 4.82
C GLY A 41 -2.26 4.18 4.30
N VAL A 42 -1.16 3.68 3.71
CA VAL A 42 -0.13 4.55 3.12
C VAL A 42 0.10 4.18 1.66
N ALA A 43 0.91 4.98 0.99
CA ALA A 43 1.24 4.76 -0.42
C ALA A 43 2.27 3.65 -0.54
N THR A 44 2.17 2.84 -1.58
CA THR A 44 3.12 1.76 -1.77
C THR A 44 4.59 2.19 -1.80
N PRO A 45 4.93 3.32 -2.48
CA PRO A 45 6.34 3.74 -2.50
C PRO A 45 6.96 3.94 -1.13
N THR A 46 6.18 4.43 -0.16
CA THR A 46 6.65 4.56 1.21
C THR A 46 7.10 3.21 1.77
N VAL A 47 6.24 2.20 1.63
CA VAL A 47 6.58 0.84 2.06
C VAL A 47 7.79 0.32 1.29
N ASN A 48 7.82 0.55 -0.02
CA ASN A 48 8.94 0.14 -0.86
C ASN A 48 10.26 0.68 -0.33
N ASN A 49 10.28 1.97 0.02
CA ASN A 49 11.47 2.60 0.59
C ASN A 49 11.95 1.93 1.88
N ILE A 50 11.01 1.56 2.74
CA ILE A 50 11.41 1.03 4.04
C ILE A 50 11.96 -0.40 3.85
N LEU A 51 11.27 -1.21 3.06
CA LEU A 51 11.69 -2.59 2.77
C LEU A 51 13.09 -2.66 2.12
N ARG A 52 13.41 -1.66 1.30
CA ARG A 52 14.73 -1.58 0.66
C ARG A 52 15.72 -0.86 1.57
N GLU A 53 15.24 -0.49 2.76
CA GLU A 53 16.06 0.14 3.79
C GLU A 53 16.57 1.50 3.36
N ARG A 54 15.79 2.17 2.52
CA ARG A 54 16.15 3.51 2.07
C ARG A 54 15.55 4.59 2.96
N GLY A 55 14.29 4.42 3.34
CA GLY A 55 13.61 5.45 4.12
C GLY A 55 13.43 4.99 5.54
N GLY A 56 13.42 5.93 6.48
CA GLY A 56 13.27 5.58 7.89
C GLY A 56 11.82 5.40 8.29
N VAL A 57 11.60 4.99 9.52
CA VAL A 57 10.25 4.83 10.06
C VAL A 57 9.89 6.04 10.90
N SER A 58 8.82 6.74 10.53
CA SER A 58 8.38 7.93 11.27
C SER A 58 7.45 7.53 12.42
N ALA A 59 7.14 8.50 13.28
CA ALA A 59 6.22 8.22 14.38
C ALA A 59 4.85 7.78 13.85
N ASP A 60 4.37 8.44 12.81
CA ASP A 60 3.12 8.06 12.15
C ASP A 60 3.19 6.62 11.63
N MET A 61 4.29 6.29 10.96
CA MET A 61 4.45 4.97 10.38
C MET A 61 4.51 3.88 11.45
N ALA A 62 5.19 4.19 12.53
CA ALA A 62 5.36 3.24 13.62
C ALA A 62 4.01 2.91 14.30
N LEU A 63 3.15 3.92 14.45
CA LEU A 63 1.80 3.71 14.95
C LEU A 63 0.98 2.83 14.00
N ARG A 64 1.05 3.16 12.71
CA ARG A 64 0.39 2.37 11.67
C ARG A 64 0.87 0.92 11.69
N LEU A 65 2.18 0.72 11.77
CA LEU A 65 2.72 -0.65 11.78
C LEU A 65 2.26 -1.45 13.00
N SER A 66 2.24 -0.79 14.15
CA SER A 66 1.86 -1.44 15.40
C SER A 66 0.41 -1.96 15.34
N ILE A 67 -0.49 -1.14 14.79
CA ILE A 67 -1.86 -1.59 14.62
C ILE A 67 -1.92 -2.71 13.59
N CYS A 68 -1.27 -2.48 12.45
CA CYS A 68 -1.37 -3.38 11.32
C CYS A 68 -0.75 -4.75 11.60
N LEU A 69 0.37 -4.77 12.32
CA LEU A 69 1.12 -6.03 12.50
C LEU A 69 1.13 -6.54 13.93
N ASP A 70 0.38 -5.89 14.81
CA ASP A 70 0.26 -6.30 16.23
C ASP A 70 1.55 -6.16 17.03
N THR A 71 2.14 -4.98 17.01
CA THR A 71 3.33 -4.72 17.83
C THR A 71 3.08 -3.46 18.62
N THR A 72 4.04 -3.07 19.45
CA THR A 72 4.01 -1.73 20.01
C THR A 72 4.61 -0.78 18.96
N PRO A 73 4.31 0.53 19.06
CA PRO A 73 4.97 1.41 18.11
C PRO A 73 6.42 1.72 18.57
N GLU A 74 6.70 1.56 19.86
CA GLU A 74 8.07 1.73 20.34
C GLU A 74 9.02 0.71 19.68
N PHE A 75 8.53 -0.49 19.43
CA PHE A 75 9.34 -1.55 18.79
C PHE A 75 10.00 -1.01 17.52
N TRP A 76 9.21 -0.33 16.69
CA TRP A 76 9.70 0.20 15.42
C TRP A 76 10.61 1.42 15.59
N LEU A 77 10.21 2.40 16.41
CA LEU A 77 11.02 3.60 16.58
C LEU A 77 12.33 3.31 17.32
N ASN A 78 12.29 2.35 18.25
CA ASN A 78 13.53 1.94 18.89
C ASN A 78 14.48 1.23 17.92
N LEU A 79 13.91 0.51 16.95
CA LEU A 79 14.75 -0.07 15.89
C LEU A 79 15.37 1.04 15.07
N GLN A 80 14.56 2.06 14.77
CA GLN A 80 15.03 3.22 14.01
C GLN A 80 16.13 3.99 14.74
N THR A 81 15.94 4.30 16.02
CA THR A 81 16.99 5.08 16.71
C THR A 81 18.26 4.24 16.94
N ALA A 82 18.11 2.94 17.18
CA ALA A 82 19.29 2.09 17.33
C ALA A 82 20.10 2.09 16.03
N PHE A 83 19.39 1.95 14.92
CA PHE A 83 20.03 1.98 13.61
C PHE A 83 20.72 3.32 13.38
N ASP A 84 20.00 4.40 13.65
CA ASP A 84 20.54 5.74 13.46
C ASP A 84 21.76 6.04 14.35
N LEU A 85 21.71 5.55 15.58
CA LEU A 85 22.81 5.74 16.51
C LEU A 85 24.04 4.95 16.06
N ARG A 86 23.83 3.67 15.79
CA ARG A 86 24.92 2.81 15.35
C ARG A 86 25.57 3.42 14.09
N THR A 87 24.74 3.97 13.21
CA THR A 87 25.24 4.59 11.99
C THR A 87 26.07 5.84 12.28
N ALA A 88 25.55 6.73 13.13
CA ALA A 88 26.26 7.94 13.54
C ALA A 88 27.61 7.62 14.18
N GLU A 89 27.64 6.54 14.95
CA GLU A 89 28.87 6.10 15.57
C GLU A 89 29.85 5.63 14.51
N GLN A 90 29.36 4.79 13.61
CA GLN A 90 30.22 4.23 12.57
C GLN A 90 30.78 5.34 11.71
N GLN A 91 29.92 6.27 11.32
CA GLN A 91 30.30 7.33 10.39
C GLN A 91 31.10 8.44 11.08
N HIS A 92 30.61 8.91 12.23
CA HIS A 92 31.17 10.11 12.85
C HIS A 92 31.71 9.93 14.26
N GLY A 93 31.69 8.69 14.75
CA GLY A 93 32.04 8.40 16.13
C GLY A 93 33.38 8.93 16.62
N ASP A 94 34.43 8.73 15.83
CA ASP A 94 35.76 9.16 16.26
C ASP A 94 35.86 10.68 16.26
N GLU A 95 35.33 11.31 15.21
CA GLU A 95 35.30 12.76 15.13
C GLU A 95 34.56 13.42 16.32
N ILE A 96 33.50 12.75 16.78
CA ILE A 96 32.69 13.29 17.87
C ILE A 96 33.47 13.20 19.19
N ILE A 97 34.06 12.03 19.41
CA ILE A 97 34.85 11.77 20.61
C ILE A 97 36.02 12.74 20.74
N GLY A 98 36.61 13.08 19.59
CA GLY A 98 37.73 13.98 19.54
C GLY A 98 37.38 15.47 19.63
N SER A 99 36.11 15.82 19.44
CA SER A 99 35.76 17.25 19.48
C SER A 99 34.82 17.67 20.63
N VAL A 100 34.26 16.72 21.37
CA VAL A 100 33.36 17.11 22.46
C VAL A 100 34.05 17.08 23.81
N GLN A 101 33.82 18.13 24.61
CA GLN A 101 34.33 18.21 25.96
C GLN A 101 33.18 17.97 26.96
N ARG A 102 33.42 17.24 28.05
CA ARG A 102 32.33 17.10 29.01
C ARG A 102 32.19 18.40 29.78
N LEU A 103 30.97 18.67 30.19
CA LEU A 103 30.66 19.88 30.94
C LEU A 103 30.13 19.48 32.30
N VAL A 104 30.85 19.82 33.36
CA VAL A 104 30.39 19.51 34.72
C VAL A 104 30.06 20.79 35.48
N ALA A 105 30.34 21.93 34.85
CA ALA A 105 30.03 23.24 35.44
C ALA A 105 30.11 24.35 34.40
N MET B 12 -13.59 -6.89 22.59
CA MET B 12 -13.13 -8.14 22.01
C MET B 12 -13.00 -8.07 20.47
N ARG B 13 -11.99 -8.74 19.95
CA ARG B 13 -11.68 -8.72 18.52
C ARG B 13 -12.66 -9.55 17.71
N PRO B 14 -13.32 -8.93 16.72
CA PRO B 14 -14.17 -9.71 15.82
C PRO B 14 -13.36 -10.83 15.12
N ILE B 15 -13.94 -12.02 15.01
CA ILE B 15 -13.29 -13.13 14.30
C ILE B 15 -13.98 -13.46 12.98
N HIS B 16 -13.34 -13.12 11.86
CA HIS B 16 -13.90 -13.44 10.54
C HIS B 16 -13.93 -14.96 10.32
N PRO B 17 -15.00 -15.49 9.73
CA PRO B 17 -15.06 -16.94 9.45
C PRO B 17 -13.84 -17.44 8.68
N GLY B 18 -13.33 -16.61 7.78
CA GLY B 18 -12.13 -16.96 7.05
C GLY B 18 -10.91 -17.19 7.93
N GLU B 19 -10.82 -16.48 9.05
CA GLU B 19 -9.76 -16.73 10.02
C GLU B 19 -9.80 -18.18 10.51
N ILE B 20 -10.99 -18.72 10.72
CA ILE B 20 -11.10 -20.09 11.21
C ILE B 20 -10.80 -21.07 10.09
N LEU B 21 -11.38 -20.81 8.92
CA LEU B 21 -11.13 -21.67 7.76
C LEU B 21 -9.63 -21.74 7.45
N ARG B 22 -8.94 -20.60 7.58
CA ARG B 22 -7.51 -20.52 7.33
C ARG B 22 -6.65 -21.11 8.45
N GLU B 23 -6.82 -20.58 9.65
CA GLU B 23 -5.97 -20.91 10.79
C GLU B 23 -6.19 -22.29 11.39
N GLU B 24 -7.40 -22.83 11.26
CA GLU B 24 -7.72 -24.08 11.94
C GLU B 24 -7.95 -25.20 10.93
N PHE B 25 -8.66 -24.92 9.85
CA PHE B 25 -8.96 -25.97 8.89
C PHE B 25 -7.84 -26.11 7.88
N GLN B 26 -7.45 -25.00 7.26
CA GLN B 26 -6.46 -25.09 6.19
C GLN B 26 -5.08 -25.48 6.72
N LYS B 27 -4.68 -24.94 7.86
CA LYS B 27 -3.31 -25.19 8.30
C LYS B 27 -3.19 -26.50 9.03
N GLU B 28 -4.29 -27.23 9.15
CA GLU B 28 -4.22 -28.55 9.75
C GLU B 28 -4.47 -29.62 8.70
N MET B 29 -5.22 -29.26 7.66
CA MET B 29 -5.54 -30.22 6.62
C MET B 29 -4.65 -30.07 5.40
N GLY B 30 -4.06 -28.89 5.24
CA GLY B 30 -3.15 -28.63 4.13
C GLY B 30 -3.73 -28.59 2.73
N PHE B 31 -4.96 -28.11 2.59
CA PHE B 31 -5.52 -27.96 1.26
C PHE B 31 -5.14 -26.58 0.68
N SER B 32 -5.00 -26.51 -0.64
CA SER B 32 -4.86 -25.25 -1.33
C SER B 32 -6.24 -24.64 -1.47
N ALA B 33 -6.30 -23.34 -1.74
CA ALA B 33 -7.58 -22.69 -1.99
C ALA B 33 -8.24 -23.37 -3.17
N ALA B 34 -7.44 -23.65 -4.19
CA ALA B 34 -7.94 -24.22 -5.44
C ALA B 34 -8.58 -25.57 -5.20
N ALA B 35 -7.93 -26.40 -4.39
CA ALA B 35 -8.44 -27.72 -4.07
C ALA B 35 -9.76 -27.62 -3.31
N LEU B 36 -9.83 -26.71 -2.35
CA LEU B 36 -11.08 -26.58 -1.58
C LEU B 36 -12.21 -26.14 -2.52
N ALA B 37 -11.93 -25.17 -3.37
CA ALA B 37 -12.97 -24.66 -4.26
C ALA B 37 -13.48 -25.74 -5.19
N ARG B 38 -12.56 -26.56 -5.72
CA ARG B 38 -12.94 -27.66 -6.59
C ARG B 38 -13.86 -28.62 -5.84
N ALA B 39 -13.51 -28.95 -4.60
CA ALA B 39 -14.35 -29.85 -3.79
C ALA B 39 -15.72 -29.23 -3.52
N LEU B 40 -15.74 -27.93 -3.25
CA LEU B 40 -16.99 -27.26 -2.90
C LEU B 40 -17.85 -27.04 -4.14
N GLY B 41 -17.23 -27.20 -5.30
CA GLY B 41 -17.93 -26.97 -6.55
C GLY B 41 -18.16 -25.49 -6.84
N VAL B 42 -17.25 -24.64 -6.39
CA VAL B 42 -17.38 -23.20 -6.64
C VAL B 42 -16.09 -22.65 -7.23
N ALA B 43 -16.11 -21.38 -7.62
CA ALA B 43 -14.94 -20.75 -8.23
C ALA B 43 -13.89 -20.39 -7.19
N THR B 44 -12.63 -20.58 -7.55
CA THR B 44 -11.54 -20.33 -6.62
C THR B 44 -11.52 -18.93 -6.01
N PRO B 45 -11.86 -17.89 -6.79
CA PRO B 45 -11.87 -16.57 -6.16
C PRO B 45 -12.85 -16.47 -4.98
N THR B 46 -13.97 -17.18 -5.06
CA THR B 46 -14.93 -17.23 -3.96
C THR B 46 -14.27 -17.71 -2.66
N VAL B 47 -13.44 -18.74 -2.79
CA VAL B 47 -12.78 -19.32 -1.64
C VAL B 47 -11.64 -18.42 -1.16
N ASN B 48 -10.92 -17.79 -2.07
CA ASN B 48 -9.81 -16.99 -1.60
C ASN B 48 -10.28 -15.71 -0.95
N ASN B 49 -11.42 -15.19 -1.39
CA ASN B 49 -11.97 -14.00 -0.76
C ASN B 49 -12.30 -14.27 0.72
N ILE B 50 -12.78 -15.47 1.02
CA ILE B 50 -13.06 -15.86 2.40
C ILE B 50 -11.76 -16.06 3.19
N LEU B 51 -10.82 -16.79 2.60
CA LEU B 51 -9.54 -17.04 3.27
C LEU B 51 -8.80 -15.76 3.63
N ARG B 52 -8.93 -14.74 2.78
CA ARG B 52 -8.26 -13.46 3.01
C ARG B 52 -9.14 -12.50 3.82
N GLU B 53 -10.32 -12.97 4.21
CA GLU B 53 -11.26 -12.21 5.04
C GLU B 53 -11.78 -10.96 4.31
N ARG B 54 -12.03 -11.12 3.01
CA ARG B 54 -12.53 -10.02 2.19
C ARG B 54 -14.03 -10.18 1.87
N GLY B 55 -14.52 -11.41 1.99
CA GLY B 55 -15.92 -11.70 1.71
C GLY B 55 -16.49 -12.62 2.77
N GLY B 56 -17.79 -12.53 2.99
CA GLY B 56 -18.47 -13.34 3.99
C GLY B 56 -18.88 -14.71 3.47
N VAL B 57 -19.43 -15.52 4.37
CA VAL B 57 -19.97 -16.83 4.01
C VAL B 57 -21.50 -16.73 3.84
N SER B 58 -21.98 -17.12 2.67
CA SER B 58 -23.42 -17.21 2.41
C SER B 58 -23.98 -18.52 2.95
N ALA B 59 -25.31 -18.64 2.96
CA ALA B 59 -25.93 -19.88 3.39
C ALA B 59 -25.57 -21.00 2.41
N ASP B 60 -25.52 -20.66 1.11
CA ASP B 60 -25.10 -21.65 0.12
C ASP B 60 -23.70 -22.17 0.47
N MET B 61 -22.78 -21.25 0.70
CA MET B 61 -21.40 -21.63 1.01
C MET B 61 -21.32 -22.42 2.31
N ALA B 62 -22.16 -22.04 3.29
CA ALA B 62 -22.13 -22.72 4.59
C ALA B 62 -22.53 -24.19 4.43
N LEU B 63 -23.51 -24.44 3.57
CA LEU B 63 -23.95 -25.81 3.32
C LEU B 63 -22.87 -26.64 2.61
N ARG B 64 -22.19 -26.01 1.64
CA ARG B 64 -21.14 -26.68 0.90
C ARG B 64 -19.97 -27.04 1.82
N LEU B 65 -19.55 -26.06 2.63
CA LEU B 65 -18.50 -26.26 3.63
C LEU B 65 -18.86 -27.36 4.63
N SER B 66 -20.11 -27.39 5.05
CA SER B 66 -20.51 -28.34 6.08
C SER B 66 -20.36 -29.79 5.55
N ILE B 67 -20.74 -30.02 4.29
CA ILE B 67 -20.61 -31.33 3.66
C ILE B 67 -19.16 -31.70 3.39
N CYS B 68 -18.41 -30.71 2.89
CA CYS B 68 -17.04 -30.97 2.46
C CYS B 68 -16.12 -31.21 3.64
N LEU B 69 -16.36 -30.46 4.72
CA LEU B 69 -15.44 -30.41 5.85
C LEU B 69 -16.05 -31.02 7.11
N ASP B 70 -17.19 -31.67 6.96
CA ASP B 70 -17.85 -32.36 8.08
C ASP B 70 -18.09 -31.46 9.30
N THR B 71 -18.77 -30.34 9.09
CA THR B 71 -19.24 -29.48 10.17
C THR B 71 -20.73 -29.34 9.99
N THR B 72 -21.38 -28.62 10.90
CA THR B 72 -22.73 -28.16 10.63
C THR B 72 -22.65 -26.89 9.79
N PRO B 73 -23.69 -26.61 9.00
CA PRO B 73 -23.71 -25.34 8.27
C PRO B 73 -23.88 -24.14 9.20
N GLU B 74 -24.61 -24.33 10.32
CA GLU B 74 -24.78 -23.27 11.31
C GLU B 74 -23.45 -22.84 11.93
N PHE B 75 -22.50 -23.77 12.02
CA PHE B 75 -21.16 -23.42 12.53
C PHE B 75 -20.61 -22.22 11.78
N TRP B 76 -20.73 -22.26 10.45
CA TRP B 76 -20.15 -21.21 9.62
C TRP B 76 -21.01 -19.95 9.68
N LEU B 77 -22.32 -20.09 9.64
CA LEU B 77 -23.17 -18.91 9.65
C LEU B 77 -23.11 -18.21 11.00
N ASN B 78 -22.97 -18.97 12.07
CA ASN B 78 -22.90 -18.36 13.41
C ASN B 78 -21.62 -17.59 13.59
N LEU B 79 -20.53 -18.11 13.02
CA LEU B 79 -19.29 -17.36 12.94
C LEU B 79 -19.49 -16.06 12.18
N GLN B 80 -20.23 -16.13 11.08
CA GLN B 80 -20.45 -14.97 10.25
C GLN B 80 -21.23 -13.89 11.00
N THR B 81 -22.29 -14.28 11.71
CA THR B 81 -23.11 -13.29 12.42
C THR B 81 -22.39 -12.72 13.64
N ALA B 82 -21.59 -13.53 14.33
CA ALA B 82 -20.82 -13.03 15.45
C ALA B 82 -19.88 -11.91 14.98
N PHE B 83 -19.22 -12.16 13.86
CA PHE B 83 -18.30 -11.18 13.25
C PHE B 83 -19.05 -9.91 12.82
N ASP B 84 -20.13 -10.09 12.07
CA ASP B 84 -20.91 -8.96 11.59
C ASP B 84 -21.46 -8.12 12.75
N LEU B 85 -21.90 -8.81 13.80
CA LEU B 85 -22.47 -8.14 14.96
C LEU B 85 -21.39 -7.37 15.73
N ARG B 86 -20.29 -8.03 16.03
CA ARG B 86 -19.21 -7.36 16.75
C ARG B 86 -18.71 -6.19 15.91
N THR B 87 -18.52 -6.42 14.61
CA THR B 87 -18.07 -5.35 13.73
C THR B 87 -18.99 -4.15 13.81
N ALA B 88 -20.30 -4.38 13.70
CA ALA B 88 -21.31 -3.31 13.72
C ALA B 88 -21.33 -2.59 15.05
N GLU B 89 -21.08 -3.33 16.13
CA GLU B 89 -21.06 -2.73 17.46
C GLU B 89 -19.96 -1.71 17.55
N GLN B 90 -18.80 -2.09 17.05
CA GLN B 90 -17.62 -1.26 17.04
C GLN B 90 -17.81 -0.07 16.15
N GLN B 91 -18.22 -0.28 14.92
CA GLN B 91 -18.38 0.81 14.01
C GLN B 91 -19.54 1.75 14.26
N HIS B 92 -20.71 1.22 14.61
CA HIS B 92 -21.86 2.09 14.82
C HIS B 92 -22.62 1.95 16.15
N GLY B 93 -22.04 1.25 17.09
CA GLY B 93 -22.68 0.98 18.37
C GLY B 93 -23.18 2.22 19.08
N ASP B 94 -22.35 3.25 19.15
CA ASP B 94 -22.71 4.45 19.90
C ASP B 94 -23.78 5.29 19.20
N GLU B 95 -23.69 5.42 17.87
CA GLU B 95 -24.73 6.11 17.12
C GLU B 95 -26.08 5.41 17.30
N ILE B 96 -26.06 4.08 17.39
CA ILE B 96 -27.30 3.30 17.52
C ILE B 96 -27.92 3.51 18.90
N ILE B 97 -27.09 3.48 19.94
CA ILE B 97 -27.57 3.79 21.29
C ILE B 97 -28.13 5.22 21.35
N GLY B 98 -27.60 6.10 20.50
CA GLY B 98 -28.02 7.49 20.49
C GLY B 98 -29.17 7.82 19.55
N SER B 99 -29.85 6.80 19.02
CA SER B 99 -30.95 7.09 18.10
C SER B 99 -32.15 6.15 18.25
N VAL B 100 -31.99 5.08 19.02
CA VAL B 100 -33.08 4.12 19.17
C VAL B 100 -33.90 4.36 20.43
N GLN B 101 -35.20 4.43 20.24
CA GLN B 101 -36.09 4.61 21.33
C GLN B 101 -36.73 3.29 21.76
N ARG B 102 -36.65 2.96 23.05
CA ARG B 102 -37.26 1.74 23.57
C ARG B 102 -38.78 1.86 23.46
N LEU B 103 -39.44 0.81 22.96
CA LEU B 103 -40.90 0.82 22.80
C LEU B 103 -41.58 -0.10 23.80
N VAL B 104 -40.84 -1.03 24.38
CA VAL B 104 -41.42 -1.98 25.33
C VAL B 104 -41.37 -1.43 26.75
N ALA B 105 -42.20 -1.90 27.65
CA ALA B 105 -42.07 -1.45 29.04
C ALA B 105 -40.66 -1.71 29.55
N GLY C 11 -10.59 8.57 6.67
CA GLY C 11 -11.13 7.21 6.69
C GLY C 11 -10.33 6.24 5.82
N MET C 12 -10.93 5.13 5.39
CA MET C 12 -10.20 4.21 4.57
C MET C 12 -10.01 4.76 3.16
N ARG C 13 -8.85 4.56 2.59
CA ARG C 13 -8.60 5.01 1.25
C ARG C 13 -9.48 4.26 0.26
N PRO C 14 -10.08 4.96 -0.67
CA PRO C 14 -10.87 4.31 -1.73
C PRO C 14 -10.03 3.27 -2.50
N ILE C 15 -10.59 2.08 -2.72
CA ILE C 15 -9.89 1.07 -3.54
C ILE C 15 -10.54 0.92 -4.92
N HIS C 16 -9.87 1.40 -5.95
CA HIS C 16 -10.38 1.30 -7.30
C HIS C 16 -10.42 -0.16 -7.74
N PRO C 17 -11.49 -0.57 -8.43
CA PRO C 17 -11.57 -1.94 -8.95
C PRO C 17 -10.31 -2.34 -9.76
N GLY C 18 -9.67 -1.39 -10.41
CA GLY C 18 -8.48 -1.69 -11.19
C GLY C 18 -7.31 -2.15 -10.34
N GLU C 19 -7.23 -1.65 -9.11
CA GLU C 19 -6.20 -2.06 -8.16
C GLU C 19 -6.36 -3.55 -7.88
N ILE C 20 -7.61 -3.99 -7.76
CA ILE C 20 -7.91 -5.39 -7.51
C ILE C 20 -7.55 -6.22 -8.73
N LEU C 21 -7.98 -5.75 -9.90
CA LEU C 21 -7.68 -6.44 -11.15
C LEU C 21 -6.17 -6.53 -11.36
N ARG C 22 -5.47 -5.45 -11.05
CA ARG C 22 -4.02 -5.39 -11.22
C ARG C 22 -3.28 -6.32 -10.24
N GLU C 23 -3.70 -6.33 -8.98
CA GLU C 23 -2.92 -6.99 -7.93
C GLU C 23 -3.36 -8.41 -7.64
N GLU C 24 -4.62 -8.72 -7.89
CA GLU C 24 -5.10 -10.04 -7.52
C GLU C 24 -5.35 -10.94 -8.71
N PHE C 25 -5.19 -10.40 -9.91
CA PHE C 25 -5.35 -11.22 -11.10
C PHE C 25 -4.18 -11.05 -12.05
N GLN C 26 -3.87 -9.82 -12.41
CA GLN C 26 -2.80 -9.59 -13.37
C GLN C 26 -1.45 -10.05 -12.85
N LYS C 27 -1.14 -9.75 -11.59
CA LYS C 27 0.21 -9.97 -11.12
C LYS C 27 0.51 -11.47 -11.11
N GLU C 28 -0.54 -12.23 -10.89
CA GLU C 28 -0.57 -13.67 -10.74
C GLU C 28 -0.63 -14.44 -12.04
N MET C 29 -1.33 -13.86 -13.00
CA MET C 29 -1.62 -14.49 -14.28
C MET C 29 -0.67 -14.02 -15.37
N GLY C 30 -0.15 -12.81 -15.21
CA GLY C 30 0.84 -12.29 -16.14
C GLY C 30 0.31 -11.85 -17.48
N PHE C 31 -1.00 -11.55 -17.60
CA PHE C 31 -1.51 -11.02 -18.86
C PHE C 31 -1.15 -9.55 -19.03
N SER C 32 -0.91 -9.15 -20.27
CA SER C 32 -0.79 -7.73 -20.57
C SER C 32 -2.20 -7.15 -20.72
N ALA C 33 -2.29 -5.83 -20.67
CA ALA C 33 -3.56 -5.16 -20.88
C ALA C 33 -4.17 -5.58 -22.22
N ALA C 34 -3.34 -5.58 -23.25
CA ALA C 34 -3.75 -5.98 -24.59
C ALA C 34 -4.31 -7.41 -24.61
N ALA C 35 -3.63 -8.32 -23.91
CA ALA C 35 -4.05 -9.71 -23.87
C ALA C 35 -5.40 -9.83 -23.19
N LEU C 36 -5.59 -9.11 -22.09
CA LEU C 36 -6.88 -9.17 -21.38
C LEU C 36 -7.99 -8.56 -22.26
N ALA C 37 -7.67 -7.45 -22.89
CA ALA C 37 -8.60 -6.78 -23.82
C ALA C 37 -9.09 -7.74 -24.91
N ARG C 38 -8.15 -8.46 -25.53
CA ARG C 38 -8.50 -9.44 -26.54
C ARG C 38 -9.42 -10.52 -25.98
N ALA C 39 -9.14 -10.99 -24.79
CA ALA C 39 -9.93 -12.05 -24.18
C ALA C 39 -11.34 -11.53 -23.87
N LEU C 40 -11.42 -10.27 -23.43
CA LEU C 40 -12.71 -9.68 -23.06
C LEU C 40 -13.54 -9.21 -24.23
N GLY C 41 -12.92 -9.06 -25.40
CA GLY C 41 -13.62 -8.63 -26.59
C GLY C 41 -13.74 -7.12 -26.70
N VAL C 42 -12.82 -6.40 -26.04
CA VAL C 42 -12.88 -4.94 -26.00
C VAL C 42 -11.55 -4.35 -26.44
N ALA C 43 -11.51 -3.02 -26.57
CA ALA C 43 -10.29 -2.32 -26.95
C ALA C 43 -9.29 -2.27 -25.79
N THR C 44 -8.01 -2.28 -26.13
CA THR C 44 -6.97 -2.19 -25.12
C THR C 44 -7.07 -0.93 -24.24
N PRO C 45 -7.37 0.24 -24.83
CA PRO C 45 -7.58 1.39 -23.95
C PRO C 45 -8.75 1.24 -22.97
N THR C 46 -9.77 0.47 -23.33
CA THR C 46 -10.87 0.20 -22.40
C THR C 46 -10.31 -0.50 -21.13
N VAL C 47 -9.39 -1.43 -21.32
CA VAL C 47 -8.76 -2.11 -20.19
C VAL C 47 -7.74 -1.23 -19.49
N ASN C 48 -6.91 -0.52 -20.27
CA ASN C 48 -5.90 0.34 -19.69
C ASN C 48 -6.50 1.38 -18.74
N ASN C 49 -7.69 1.87 -19.05
CA ASN C 49 -8.25 2.93 -18.22
C ASN C 49 -8.77 2.40 -16.89
N ILE C 50 -9.06 1.09 -16.85
CA ILE C 50 -9.43 0.43 -15.61
C ILE C 50 -8.16 0.13 -14.80
N LEU C 51 -7.20 -0.56 -15.42
CA LEU C 51 -5.92 -0.86 -14.79
C LEU C 51 -5.18 0.40 -14.28
N ARG C 52 -5.33 1.51 -14.98
CA ARG C 52 -4.65 2.73 -14.59
C ARG C 52 -5.53 3.57 -13.65
N GLU C 53 -6.69 3.02 -13.31
CA GLU C 53 -7.63 3.63 -12.37
C GLU C 53 -8.11 5.00 -12.87
N ARG C 54 -8.36 5.10 -14.16
CA ARG C 54 -8.80 6.35 -14.78
C ARG C 54 -10.31 6.39 -15.03
N GLY C 55 -10.91 5.22 -15.19
CA GLY C 55 -12.35 5.12 -15.39
C GLY C 55 -12.83 3.85 -14.74
N GLY C 56 -14.15 3.77 -14.53
CA GLY C 56 -14.73 2.73 -13.68
C GLY C 56 -15.19 1.54 -14.47
N VAL C 57 -15.73 0.55 -13.76
CA VAL C 57 -16.19 -0.66 -14.41
C VAL C 57 -17.70 -0.58 -14.67
N SER C 58 -18.09 -0.65 -15.94
CA SER C 58 -19.50 -0.68 -16.30
C SER C 58 -20.09 -2.06 -16.07
N ALA C 59 -21.42 -2.14 -16.13
CA ALA C 59 -22.13 -3.42 -16.07
C ALA C 59 -21.68 -4.37 -17.19
N ASP C 60 -21.45 -3.82 -18.38
CA ASP C 60 -21.00 -4.61 -19.53
C ASP C 60 -19.66 -5.24 -19.24
N MET C 61 -18.73 -4.41 -18.78
CA MET C 61 -17.38 -4.86 -18.44
C MET C 61 -17.41 -5.89 -17.31
N ALA C 62 -18.23 -5.64 -16.30
CA ALA C 62 -18.30 -6.57 -15.16
C ALA C 62 -18.78 -7.95 -15.62
N LEU C 63 -19.73 -7.97 -16.56
CA LEU C 63 -20.16 -9.23 -17.12
C LEU C 63 -19.02 -9.91 -17.88
N ARG C 64 -18.27 -9.14 -18.66
CA ARG C 64 -17.15 -9.70 -19.41
C ARG C 64 -16.08 -10.22 -18.47
N LEU C 65 -15.78 -9.47 -17.42
CA LEU C 65 -14.75 -9.84 -16.45
C LEU C 65 -15.14 -11.11 -15.70
N SER C 66 -16.43 -11.25 -15.43
CA SER C 66 -16.88 -12.37 -14.63
C SER C 66 -16.69 -13.66 -15.41
N ILE C 67 -16.90 -13.62 -16.72
CA ILE C 67 -16.68 -14.81 -17.55
C ILE C 67 -15.17 -15.07 -17.75
N CYS C 68 -14.42 -14.03 -18.05
CA CYS C 68 -13.00 -14.16 -18.29
C CYS C 68 -12.23 -14.69 -17.07
N LEU C 69 -12.63 -14.22 -15.88
CA LEU C 69 -11.89 -14.49 -14.66
C LEU C 69 -12.65 -15.36 -13.64
N ASP C 70 -13.79 -15.89 -14.03
CA ASP C 70 -14.63 -16.73 -13.16
C ASP C 70 -14.97 -16.06 -11.84
N THR C 71 -15.46 -14.82 -11.91
CA THR C 71 -15.97 -14.16 -10.71
C THR C 71 -17.46 -13.97 -10.90
N THR C 72 -18.12 -13.33 -9.95
CA THR C 72 -19.46 -12.86 -10.23
C THR C 72 -19.35 -11.46 -10.82
N PRO C 73 -20.39 -11.04 -11.52
CA PRO C 73 -20.34 -9.65 -12.02
C PRO C 73 -20.55 -8.64 -10.89
N GLU C 74 -21.34 -9.01 -9.88
CA GLU C 74 -21.51 -8.14 -8.72
C GLU C 74 -20.18 -7.85 -8.01
N PHE C 75 -19.25 -8.81 -8.04
CA PHE C 75 -17.99 -8.62 -7.34
C PHE C 75 -17.35 -7.32 -7.83
N TRP C 76 -17.41 -7.12 -9.13
CA TRP C 76 -16.79 -5.94 -9.72
C TRP C 76 -17.60 -4.66 -9.49
N LEU C 77 -18.92 -4.75 -9.68
CA LEU C 77 -19.76 -3.55 -9.55
C LEU C 77 -19.79 -3.08 -8.09
N ASN C 78 -19.73 -4.03 -7.16
CA ASN C 78 -19.70 -3.68 -5.75
C ASN C 78 -18.37 -3.03 -5.36
N LEU C 79 -17.28 -3.47 -5.97
CA LEU C 79 -16.01 -2.75 -5.78
C LEU C 79 -16.13 -1.32 -6.28
N GLN C 80 -16.79 -1.16 -7.43
CA GLN C 80 -16.99 0.15 -8.02
C GLN C 80 -17.86 1.03 -7.14
N THR C 81 -19.00 0.54 -6.69
CA THR C 81 -19.86 1.34 -5.81
C THR C 81 -19.12 1.78 -4.54
N ALA C 82 -18.44 0.84 -3.88
CA ALA C 82 -17.63 1.14 -2.69
C ALA C 82 -16.60 2.23 -2.97
N PHE C 83 -15.96 2.16 -4.14
CA PHE C 83 -14.98 3.18 -4.51
C PHE C 83 -15.64 4.54 -4.74
N ASP C 84 -16.75 4.58 -5.46
CA ASP C 84 -17.42 5.86 -5.76
C ASP C 84 -17.99 6.48 -4.51
N LEU C 85 -18.51 5.66 -3.61
CA LEU C 85 -18.99 6.15 -2.31
C LEU C 85 -17.88 6.73 -1.46
N ARG C 86 -16.84 5.93 -1.25
CA ARG C 86 -15.72 6.34 -0.40
C ARG C 86 -15.09 7.63 -0.96
N THR C 87 -15.04 7.72 -2.29
CA THR C 87 -14.45 8.87 -2.96
C THR C 87 -15.33 10.10 -2.76
N ALA C 88 -16.63 9.91 -2.92
CA ALA C 88 -17.57 11.01 -2.82
C ALA C 88 -17.59 11.57 -1.38
N GLU C 89 -17.49 10.66 -0.40
CA GLU C 89 -17.47 11.04 1.01
C GLU C 89 -16.24 11.86 1.32
N GLN C 90 -15.12 11.48 0.71
CA GLN C 90 -13.85 12.13 0.93
C GLN C 90 -13.82 13.47 0.21
N GLN C 91 -14.38 13.51 -0.99
CA GLN C 91 -14.37 14.75 -1.78
C GLN C 91 -15.49 15.73 -1.39
N HIS C 92 -16.69 15.23 -1.09
CA HIS C 92 -17.82 16.13 -0.93
C HIS C 92 -18.62 15.92 0.34
N GLY C 93 -18.13 15.04 1.21
CA GLY C 93 -18.85 14.63 2.41
C GLY C 93 -19.36 15.77 3.27
N ASP C 94 -18.56 16.82 3.43
CA ASP C 94 -18.93 17.91 4.32
C ASP C 94 -19.84 18.92 3.64
N GLU C 95 -19.67 19.11 2.34
CA GLU C 95 -20.61 19.92 1.58
C GLU C 95 -21.98 19.27 1.58
N ILE C 96 -22.01 17.95 1.52
CA ILE C 96 -23.26 17.19 1.50
C ILE C 96 -23.96 17.25 2.85
N ILE C 97 -23.23 16.94 3.90
CA ILE C 97 -23.77 17.02 5.25
C ILE C 97 -24.13 18.47 5.56
N GLY C 98 -23.42 19.40 4.92
CA GLY C 98 -23.72 20.82 5.05
C GLY C 98 -24.96 21.29 4.30
N SER C 99 -25.38 20.57 3.27
CA SER C 99 -26.50 21.03 2.44
C SER C 99 -27.81 20.25 2.61
N VAL C 100 -27.75 19.00 3.05
CA VAL C 100 -28.94 18.14 3.08
C VAL C 100 -29.78 18.38 4.32
N GLN C 101 -31.09 18.53 4.12
CA GLN C 101 -32.03 18.70 5.24
C GLN C 101 -32.97 17.51 5.33
N ARG C 102 -33.33 17.14 6.52
CA ARG C 102 -34.29 16.10 6.64
C ARG C 102 -35.62 16.60 6.09
N LEU C 103 -36.49 15.67 5.80
CA LEU C 103 -37.76 16.03 5.23
C LEU C 103 -38.81 16.53 6.21
N MET D 12 30.95 9.24 -0.89
CA MET D 12 29.91 8.52 -1.63
C MET D 12 29.54 9.28 -2.88
N ARG D 13 29.64 8.62 -4.04
CA ARG D 13 29.40 9.27 -5.32
C ARG D 13 27.92 9.66 -5.49
N PRO D 14 27.63 10.59 -6.42
CA PRO D 14 26.25 11.13 -6.41
C PRO D 14 25.24 10.32 -7.22
N ILE D 15 24.00 10.33 -6.74
CA ILE D 15 22.92 9.70 -7.48
C ILE D 15 21.93 10.77 -7.90
N HIS D 16 21.76 10.93 -9.20
CA HIS D 16 20.83 11.91 -9.73
C HIS D 16 19.38 11.44 -9.53
N PRO D 17 18.45 12.37 -9.21
CA PRO D 17 17.06 11.91 -9.01
C PRO D 17 16.46 11.26 -10.25
N GLY D 18 16.95 11.66 -11.42
CA GLY D 18 16.43 11.13 -12.66
C GLY D 18 16.75 9.66 -12.80
N GLU D 19 17.85 9.23 -12.21
CA GLU D 19 18.17 7.81 -12.22
C GLU D 19 17.14 7.05 -11.41
N ILE D 20 16.77 7.60 -10.26
CA ILE D 20 15.74 6.97 -9.46
C ILE D 20 14.39 6.97 -10.21
N LEU D 21 14.09 8.05 -10.91
CA LEU D 21 12.85 8.11 -11.69
C LEU D 21 12.88 7.07 -12.82
N ARG D 22 14.00 7.00 -13.52
CA ARG D 22 14.18 6.08 -14.63
C ARG D 22 14.21 4.60 -14.18
N GLU D 23 15.11 4.27 -13.25
CA GLU D 23 15.30 2.87 -12.86
C GLU D 23 14.23 2.33 -11.91
N GLU D 24 13.77 3.14 -10.96
CA GLU D 24 12.82 2.67 -9.94
C GLU D 24 11.34 2.88 -10.25
N PHE D 25 11.03 3.79 -11.17
CA PHE D 25 9.63 4.02 -11.50
C PHE D 25 9.33 3.70 -12.96
N GLN D 26 10.08 4.30 -13.88
CA GLN D 26 9.81 4.06 -15.29
C GLN D 26 10.01 2.61 -15.66
N LYS D 27 11.21 2.08 -15.39
CA LYS D 27 11.51 0.70 -15.72
C LYS D 27 10.56 -0.26 -15.02
N GLU D 28 10.12 0.10 -13.81
CA GLU D 28 9.21 -0.75 -13.06
C GLU D 28 7.81 -0.78 -13.65
N MET D 29 7.23 0.39 -13.86
CA MET D 29 5.84 0.51 -14.31
C MET D 29 5.69 0.59 -15.82
N GLY D 30 6.81 0.69 -16.53
CA GLY D 30 6.82 0.59 -17.98
C GLY D 30 6.16 1.70 -18.78
N PHE D 31 6.03 2.88 -18.18
CA PHE D 31 5.44 4.02 -18.91
C PHE D 31 6.45 4.67 -19.83
N SER D 32 5.98 5.30 -20.91
CA SER D 32 6.84 6.10 -21.77
C SER D 32 7.09 7.47 -21.14
N ALA D 33 8.17 8.13 -21.56
CA ALA D 33 8.43 9.50 -21.15
C ALA D 33 7.23 10.40 -21.48
N ALA D 34 6.64 10.18 -22.65
CA ALA D 34 5.49 10.96 -23.10
C ALA D 34 4.26 10.75 -22.23
N ALA D 35 4.04 9.51 -21.82
CA ALA D 35 2.92 9.19 -20.93
C ALA D 35 3.10 9.87 -19.57
N LEU D 36 4.33 9.87 -19.07
CA LEU D 36 4.64 10.56 -17.82
C LEU D 36 4.39 12.07 -17.95
N ALA D 37 4.89 12.66 -19.03
CA ALA D 37 4.70 14.09 -19.26
C ALA D 37 3.23 14.45 -19.35
N ARG D 38 2.46 13.60 -20.03
CA ARG D 38 1.02 13.83 -20.16
C ARG D 38 0.39 13.80 -18.78
N ALA D 39 0.74 12.81 -17.97
CA ALA D 39 0.20 12.71 -16.61
C ALA D 39 0.66 13.86 -15.72
N LEU D 40 1.90 14.31 -15.90
CA LEU D 40 2.44 15.41 -15.09
C LEU D 40 1.93 16.78 -15.52
N GLY D 41 1.41 16.87 -16.73
CA GLY D 41 0.94 18.15 -17.25
C GLY D 41 2.09 19.02 -17.70
N VAL D 42 3.13 18.41 -18.25
CA VAL D 42 4.30 19.13 -18.68
C VAL D 42 4.72 18.58 -20.02
N ALA D 43 5.72 19.22 -20.63
CA ALA D 43 6.19 18.85 -21.96
C ALA D 43 7.14 17.65 -21.88
N THR D 44 7.11 16.81 -22.90
CA THR D 44 7.97 15.63 -22.94
C THR D 44 9.49 15.92 -22.79
N PRO D 45 10.01 16.97 -23.46
CA PRO D 45 11.42 17.32 -23.22
C PRO D 45 11.76 17.69 -21.79
N THR D 46 10.78 18.23 -21.07
CA THR D 46 10.95 18.55 -19.65
C THR D 46 11.21 17.29 -18.85
N VAL D 47 10.43 16.24 -19.14
CA VAL D 47 10.64 14.94 -18.50
C VAL D 47 11.97 14.30 -18.95
N ASN D 48 12.28 14.41 -20.25
CA ASN D 48 13.50 13.79 -20.78
C ASN D 48 14.78 14.35 -20.18
N ASN D 49 14.75 15.62 -19.82
CA ASN D 49 15.92 16.28 -19.26
C ASN D 49 16.27 15.72 -17.88
N ILE D 50 15.25 15.25 -17.17
CA ILE D 50 15.43 14.61 -15.87
C ILE D 50 15.81 13.15 -16.05
N LEU D 51 15.05 12.43 -16.87
CA LEU D 51 15.33 11.02 -17.17
C LEU D 51 16.75 10.80 -17.71
N ARG D 52 17.24 11.76 -18.49
CA ARG D 52 18.57 11.65 -19.07
C ARG D 52 19.62 12.29 -18.17
N GLU D 53 19.19 12.76 -16.99
CA GLU D 53 20.05 13.38 -15.97
C GLU D 53 20.78 14.64 -16.45
N ARG D 54 20.14 15.41 -17.31
CA ARG D 54 20.77 16.64 -17.80
C ARG D 54 20.31 17.86 -16.98
N GLY D 55 19.20 17.71 -16.26
CA GLY D 55 18.71 18.79 -15.42
C GLY D 55 18.11 18.28 -14.12
N GLY D 56 18.01 19.16 -13.12
CA GLY D 56 17.50 18.81 -11.81
C GLY D 56 15.98 18.84 -11.67
N VAL D 57 15.52 18.49 -10.49
CA VAL D 57 14.10 18.47 -10.20
C VAL D 57 13.77 19.72 -9.42
N SER D 58 12.90 20.57 -9.97
CA SER D 58 12.43 21.75 -9.26
C SER D 58 11.31 21.47 -8.26
N ALA D 59 11.04 22.43 -7.39
CA ALA D 59 9.94 22.34 -6.44
C ALA D 59 8.63 22.02 -7.14
N ASP D 60 8.36 22.73 -8.23
CA ASP D 60 7.15 22.50 -9.01
C ASP D 60 7.08 21.06 -9.55
N MET D 61 8.17 20.62 -10.17
CA MET D 61 8.24 19.27 -10.68
C MET D 61 8.13 18.23 -9.54
N ALA D 62 8.73 18.54 -8.39
CA ALA D 62 8.69 17.63 -7.26
C ALA D 62 7.24 17.43 -6.79
N LEU D 63 6.49 18.53 -6.72
CA LEU D 63 5.07 18.48 -6.39
C LEU D 63 4.28 17.65 -7.39
N ARG D 64 4.51 17.90 -8.67
CA ARG D 64 3.85 17.13 -9.72
C ARG D 64 4.20 15.64 -9.60
N LEU D 65 5.48 15.33 -9.43
CA LEU D 65 5.88 13.92 -9.31
C LEU D 65 5.24 13.27 -8.10
N SER D 66 5.11 14.02 -7.00
CA SER D 66 4.63 13.45 -5.77
C SER D 66 3.18 13.00 -5.94
N ILE D 67 2.36 13.85 -6.57
CA ILE D 67 0.97 13.48 -6.88
C ILE D 67 0.92 12.29 -7.85
N CYS D 68 1.71 12.40 -8.92
CA CYS D 68 1.68 11.42 -9.99
C CYS D 68 2.13 10.02 -9.57
N LEU D 69 3.14 9.95 -8.71
CA LEU D 69 3.73 8.66 -8.40
C LEU D 69 3.48 8.19 -6.95
N ASP D 70 2.63 8.94 -6.23
CA ASP D 70 2.33 8.68 -4.82
C ASP D 70 3.57 8.71 -3.94
N THR D 71 4.36 9.78 -4.08
CA THR D 71 5.50 10.02 -3.22
C THR D 71 5.29 11.32 -2.47
N THR D 72 6.21 11.62 -1.57
CA THR D 72 6.26 12.93 -1.01
C THR D 72 7.06 13.82 -1.96
N PRO D 73 6.79 15.14 -1.93
CA PRO D 73 7.65 16.04 -2.71
C PRO D 73 9.08 16.08 -2.16
N GLU D 74 9.22 15.97 -0.84
CA GLU D 74 10.55 16.00 -0.23
C GLU D 74 11.43 14.86 -0.72
N PHE D 75 10.82 13.71 -0.99
CA PHE D 75 11.56 12.58 -1.55
C PHE D 75 12.41 13.00 -2.74
N TRP D 76 11.81 13.76 -3.66
CA TRP D 76 12.53 14.19 -4.86
C TRP D 76 13.53 15.30 -4.53
N LEU D 77 13.11 16.30 -3.77
CA LEU D 77 13.96 17.42 -3.44
C LEU D 77 15.19 16.99 -2.64
N ASN D 78 15.02 15.99 -1.78
CA ASN D 78 16.12 15.54 -0.95
C ASN D 78 17.09 14.74 -1.79
N LEU D 79 16.58 13.99 -2.76
CA LEU D 79 17.47 13.34 -3.72
C LEU D 79 18.28 14.40 -4.46
N GLN D 80 17.61 15.49 -4.86
CA GLN D 80 18.26 16.57 -5.58
C GLN D 80 19.33 17.26 -4.73
N THR D 81 18.98 17.59 -3.49
CA THR D 81 19.89 18.19 -2.52
C THR D 81 21.16 17.32 -2.32
N ALA D 82 20.96 16.04 -2.08
CA ALA D 82 22.05 15.09 -1.92
C ALA D 82 22.95 15.06 -3.15
N PHE D 83 22.34 15.03 -4.33
CA PHE D 83 23.11 14.99 -5.57
C PHE D 83 23.95 16.25 -5.76
N ASP D 84 23.36 17.41 -5.47
CA ASP D 84 24.05 18.68 -5.65
C ASP D 84 25.16 18.86 -4.64
N LEU D 85 24.93 18.43 -3.40
CA LEU D 85 25.97 18.53 -2.38
C LEU D 85 27.15 17.60 -2.67
N ARG D 86 26.86 16.36 -2.99
CA ARG D 86 27.89 15.40 -3.28
C ARG D 86 28.69 15.86 -4.47
N THR D 87 28.02 16.38 -5.45
CA THR D 87 28.68 16.88 -6.64
C THR D 87 29.56 18.06 -6.29
N ALA D 88 29.03 19.00 -5.52
CA ALA D 88 29.79 20.17 -5.11
C ALA D 88 31.05 19.77 -4.36
N GLU D 89 30.91 18.85 -3.40
CA GLU D 89 32.04 18.37 -2.59
C GLU D 89 33.12 17.71 -3.45
N GLN D 90 32.68 16.98 -4.48
CA GLN D 90 33.61 16.23 -5.31
C GLN D 90 34.35 17.15 -6.27
N GLN D 91 33.72 18.21 -6.70
CA GLN D 91 34.43 19.08 -7.59
C GLN D 91 34.97 20.40 -7.08
N HIS D 92 34.44 20.91 -5.99
CA HIS D 92 34.95 22.17 -5.49
C HIS D 92 35.32 22.10 -4.02
N GLY D 93 35.29 20.89 -3.48
CA GLY D 93 35.59 20.67 -2.07
C GLY D 93 36.91 21.25 -1.61
N ASP D 94 37.98 20.98 -2.36
CA ASP D 94 39.30 21.50 -1.99
C ASP D 94 39.34 23.02 -2.08
N GLU D 95 38.75 23.56 -3.14
CA GLU D 95 38.64 24.99 -3.34
C GLU D 95 37.88 25.66 -2.19
N ILE D 96 36.84 24.99 -1.69
CA ILE D 96 36.01 25.54 -0.63
C ILE D 96 36.76 25.50 0.72
N ILE D 97 37.38 24.37 1.01
CA ILE D 97 38.12 24.24 2.27
C ILE D 97 39.26 25.26 2.30
N GLY D 98 39.91 25.47 1.16
CA GLY D 98 40.99 26.43 1.07
C GLY D 98 40.63 27.91 1.12
N SER D 99 39.35 28.25 1.12
CA SER D 99 38.97 29.66 1.03
C SER D 99 38.00 30.12 2.13
N VAL D 100 37.54 29.20 2.97
CA VAL D 100 36.60 29.54 4.03
C VAL D 100 37.28 29.57 5.41
N GLN D 101 36.96 30.58 6.22
CA GLN D 101 37.41 30.62 7.61
C GLN D 101 36.21 30.63 8.57
N ARG D 102 36.32 29.84 9.63
CA ARG D 102 35.36 29.87 10.72
C ARG D 102 35.16 31.31 11.17
N LEU D 103 33.93 31.79 11.20
CA LEU D 103 33.68 33.13 11.63
C LEU D 103 33.90 33.28 13.11
N VAL D 104 34.55 34.35 13.50
CA VAL D 104 34.84 34.59 14.88
C VAL D 104 33.77 35.44 15.55
N ALA D 105 33.20 34.90 16.61
CA ALA D 105 32.16 35.59 17.36
C ALA D 105 32.75 36.75 18.18
#